data_6E3D
#
_entry.id   6E3D
#
_cell.length_a   52.739
_cell.length_b   69.092
_cell.length_c   62.363
_cell.angle_alpha   90.000
_cell.angle_beta   106.520
_cell.angle_gamma   90.000
#
_symmetry.space_group_name_H-M   'P 1 21 1'
#
loop_
_entity.id
_entity.type
_entity.pdbx_description
1 polymer 'Periplasmic dipeptide-binding lipoprotein DPPA'
2 polymer 'tetra-peptide picked up from the expression host'
3 water water
#
loop_
_entity_poly.entity_id
_entity_poly.type
_entity_poly.pdbx_seq_one_letter_code
_entity_poly.pdbx_strand_id
1 'polypeptide(L)'
;PDVVLVNGGEPPNPLIPTGTNDSNGGRIIDRLFAGLMSYDAVGKPSLEVAQSIESADNVNYRITVKPGWKFTDGSPVTAH
SFVDAWNYGALSTNAQLQQHFFSPIEGFDDVAGAPGAASRTTMSGLRVVNDLEFTVRLKAPTIDFTLRLGHSSFYPLPDS
AFRDMAAFGRNPIGNGPYKLADGPAGPAWEHNVRIDLVPNPDYHGNRKPRNKGLRFEFYANLDTAYADLLSGNLDVLDTI
PPSALTVYQRDLGDHATSGPAAINQTLDTPLRLPHFGGEEGRLRRLALSAAINRPQICQQIFAGTRSPARDFTARSLPGF
DPNLPGNEVLDYDPQRARRLWAQADAISPWSGRYAIAYNADAGHRDWVDAVANSIKNVLGIDAVAAPQPTFAGFRTQITN
RAIDSAFRAGWRGDYPSMIEFLAPLFTAGAGSNDVGYINPEFDAALAAAEAAPTLTESHELVNDAQRILFHDMPVVPLWD
YISVVGWSSQVSNVTVTWNGLPDYENIVKA
;
A
2 'polypeptide(L)' SSVT B
#
# COMPACT_ATOMS: atom_id res chain seq x y z
N PRO A 1 -6.51 -18.66 -23.86
CA PRO A 1 -7.62 -18.06 -23.08
C PRO A 1 -8.04 -16.69 -23.61
N ASP A 2 -9.33 -16.39 -23.50
CA ASP A 2 -9.85 -15.11 -23.98
C ASP A 2 -9.63 -13.97 -22.97
N VAL A 3 -9.46 -14.28 -21.70
CA VAL A 3 -9.21 -13.27 -20.68
C VAL A 3 -7.72 -12.97 -20.59
N VAL A 4 -7.43 -11.82 -20.02
CA VAL A 4 -6.06 -11.37 -19.83
C VAL A 4 -5.47 -12.03 -18.59
N LEU A 5 -4.36 -12.73 -18.74
CA LEU A 5 -3.68 -13.39 -17.64
C LEU A 5 -2.59 -12.50 -17.09
N VAL A 6 -2.70 -12.16 -15.79
CA VAL A 6 -1.77 -11.26 -15.12
C VAL A 6 -1.34 -11.92 -13.80
N ASN A 7 -0.22 -11.47 -13.26
CA ASN A 7 0.23 -12.01 -11.99
C ASN A 7 -0.44 -11.32 -10.79
N GLY A 8 -0.59 -12.09 -9.72
CA GLY A 8 -0.99 -11.57 -8.43
C GLY A 8 -0.59 -12.52 -7.33
N GLY A 9 -1.28 -12.40 -6.19
CA GLY A 9 -1.06 -13.32 -5.07
C GLY A 9 -2.29 -13.44 -4.22
N GLU A 10 -2.31 -14.46 -3.37
CA GLU A 10 -3.43 -14.71 -2.50
C GLU A 10 -3.56 -13.51 -1.58
N PRO A 11 -4.75 -12.91 -1.44
CA PRO A 11 -4.94 -11.84 -0.46
C PRO A 11 -4.75 -12.38 0.94
N PRO A 12 -3.98 -11.71 1.80
CA PRO A 12 -3.90 -12.14 3.19
C PRO A 12 -5.21 -12.03 3.92
N ASN A 13 -6.09 -11.15 3.50
CA ASN A 13 -7.34 -10.96 4.22
C ASN A 13 -8.55 -11.05 3.31
N PRO A 14 -9.74 -11.26 3.87
CA PRO A 14 -10.94 -11.32 3.05
C PRO A 14 -11.12 -10.03 2.26
N LEU A 15 -11.95 -10.14 1.20
CA LEU A 15 -12.09 -9.06 0.21
C LEU A 15 -13.13 -8.02 0.66
N ILE A 16 -12.81 -7.34 1.75
CA ILE A 16 -13.54 -6.21 2.31
C ILE A 16 -12.70 -4.97 2.10
N PRO A 17 -13.19 -3.93 1.40
CA PRO A 17 -12.31 -2.76 1.14
C PRO A 17 -11.65 -2.18 2.39
N THR A 18 -12.40 -1.91 3.45
CA THR A 18 -11.80 -1.30 4.63
C THR A 18 -10.92 -2.27 5.39
N GLY A 19 -10.94 -3.55 5.03
CA GLY A 19 -10.13 -4.54 5.68
C GLY A 19 -8.90 -4.91 4.91
N THR A 20 -8.63 -4.23 3.80
CA THR A 20 -7.53 -4.56 2.87
C THR A 20 -6.46 -3.49 2.91
N ASN A 21 -5.25 -3.84 3.40
CA ASN A 21 -4.15 -2.88 3.47
C ASN A 21 -2.97 -3.26 2.59
N ASP A 22 -3.13 -4.26 1.72
CA ASP A 22 -2.03 -4.83 0.99
C ASP A 22 -2.33 -4.84 -0.50
N SER A 23 -1.28 -4.97 -1.31
CA SER A 23 -1.41 -4.87 -2.76
C SER A 23 -2.03 -6.11 -3.39
N ASN A 24 -1.87 -7.30 -2.77
CA ASN A 24 -2.48 -8.49 -3.35
C ASN A 24 -4.02 -8.39 -3.31
N GLY A 25 -4.60 -8.11 -2.14
CA GLY A 25 -6.01 -7.85 -2.09
C GLY A 25 -6.39 -6.57 -2.83
N GLY A 26 -5.57 -5.56 -2.74
CA GLY A 26 -5.87 -4.26 -3.34
C GLY A 26 -6.07 -4.35 -4.83
N ARG A 27 -5.24 -5.13 -5.51
CA ARG A 27 -5.39 -5.20 -6.96
C ARG A 27 -6.67 -5.91 -7.39
N ILE A 28 -7.22 -6.74 -6.50
CA ILE A 28 -8.53 -7.34 -6.77
C ILE A 28 -9.65 -6.36 -6.45
N ILE A 29 -9.63 -5.83 -5.22
CA ILE A 29 -10.67 -4.90 -4.75
C ILE A 29 -10.86 -3.74 -5.73
N ASP A 30 -9.76 -3.21 -6.27
CA ASP A 30 -9.87 -2.07 -7.18
C ASP A 30 -10.52 -2.41 -8.52
N ARG A 31 -10.62 -3.69 -8.87
CA ARG A 31 -11.37 -4.10 -10.05
C ARG A 31 -12.86 -4.22 -9.77
N LEU A 32 -13.23 -4.45 -8.51
CA LEU A 32 -14.59 -4.84 -8.15
C LEU A 32 -15.49 -3.67 -7.74
N PHE A 33 -14.94 -2.53 -7.42
CA PHE A 33 -15.69 -1.41 -6.88
C PHE A 33 -15.36 -0.15 -7.63
N ALA A 34 -16.29 0.80 -7.54
CA ALA A 34 -16.12 2.15 -8.04
C ALA A 34 -16.47 3.12 -6.92
N GLY A 35 -15.55 4.04 -6.64
CA GLY A 35 -15.75 5.02 -5.59
C GLY A 35 -16.22 6.37 -6.10
N LEU A 36 -16.29 7.32 -5.18
CA LEU A 36 -16.74 8.70 -5.51
C LEU A 36 -15.85 9.26 -6.62
N MET A 37 -14.54 9.04 -6.52
CA MET A 37 -13.58 9.42 -7.59
C MET A 37 -12.91 8.16 -8.13
N SER A 38 -12.41 8.22 -9.36
CA SER A 38 -11.50 7.20 -9.90
C SER A 38 -10.17 7.87 -10.24
N TYR A 39 -9.11 7.11 -10.27
CA TYR A 39 -7.79 7.63 -10.59
C TYR A 39 -7.39 7.19 -11.98
N ASP A 40 -6.78 8.10 -12.73
CA ASP A 40 -6.18 7.78 -14.02
C ASP A 40 -4.78 7.20 -13.81
N ALA A 41 -4.05 6.96 -14.90
CA ALA A 41 -2.79 6.23 -14.80
C ALA A 41 -1.71 7.07 -14.11
N VAL A 42 -1.87 8.39 -14.04
CA VAL A 42 -0.93 9.25 -13.32
C VAL A 42 -1.44 9.60 -11.92
N GLY A 43 -2.56 9.03 -11.49
CA GLY A 43 -3.05 9.23 -10.15
C GLY A 43 -3.88 10.48 -9.98
N LYS A 44 -4.33 11.12 -11.07
CA LYS A 44 -5.22 12.25 -10.97
C LYS A 44 -6.65 11.75 -10.79
N PRO A 45 -7.42 12.31 -9.85
CA PRO A 45 -8.78 11.82 -9.64
C PRO A 45 -9.76 12.56 -10.55
N SER A 46 -10.83 11.84 -10.91
CA SER A 46 -12.00 12.38 -11.60
C SER A 46 -13.25 11.85 -10.95
N LEU A 47 -14.31 12.65 -11.01
CA LEU A 47 -15.60 12.21 -10.50
C LEU A 47 -16.01 10.91 -11.20
N GLU A 48 -16.47 9.95 -10.37
CA GLU A 48 -16.84 8.62 -10.83
C GLU A 48 -18.27 8.39 -10.36
N VAL A 49 -18.48 7.85 -9.16
CA VAL A 49 -19.82 7.70 -8.64
C VAL A 49 -20.38 9.04 -8.14
N ALA A 50 -19.53 9.95 -7.69
CA ALA A 50 -20.00 11.28 -7.25
C ALA A 50 -20.40 12.12 -8.45
N GLN A 51 -21.55 12.77 -8.32
CA GLN A 51 -21.91 13.82 -9.24
C GLN A 51 -21.13 15.09 -8.96
N SER A 52 -20.85 15.38 -7.71
CA SER A 52 -20.08 16.53 -7.29
C SER A 52 -19.49 16.27 -5.91
N ILE A 53 -18.32 16.87 -5.68
CA ILE A 53 -17.66 16.88 -4.38
C ILE A 53 -17.22 18.33 -4.20
N GLU A 54 -17.84 19.02 -3.26
CA GLU A 54 -17.64 20.45 -3.09
C GLU A 54 -17.06 20.75 -1.72
N SER A 55 -15.97 21.52 -1.68
CA SER A 55 -15.42 22.05 -0.46
C SER A 55 -14.67 23.33 -0.80
N ALA A 56 -15.00 24.42 -0.13
CA ALA A 56 -14.27 25.67 -0.31
C ALA A 56 -13.16 25.84 0.73
N ASP A 57 -13.07 24.95 1.71
CA ASP A 57 -12.26 25.18 2.90
C ASP A 57 -11.47 23.96 3.35
N ASN A 58 -11.57 22.82 2.67
CA ASN A 58 -10.89 21.58 3.08
C ASN A 58 -11.34 21.12 4.46
N VAL A 59 -12.52 21.57 4.91
CA VAL A 59 -13.08 21.18 6.19
C VAL A 59 -14.51 20.66 6.00
N ASN A 60 -15.31 21.39 5.25
CA ASN A 60 -16.69 21.03 5.00
C ASN A 60 -16.85 20.55 3.57
N TYR A 61 -17.43 19.38 3.40
CA TYR A 61 -17.61 18.77 2.09
C TYR A 61 -19.07 18.47 1.88
N ARG A 62 -19.55 18.74 0.67
CA ARG A 62 -20.87 18.31 0.25
C ARG A 62 -20.69 17.35 -0.92
N ILE A 63 -21.22 16.15 -0.78
CA ILE A 63 -21.03 15.07 -1.75
C ILE A 63 -22.39 14.70 -2.28
N THR A 64 -22.54 14.76 -3.59
CA THR A 64 -23.78 14.28 -4.22
C THR A 64 -23.41 13.05 -5.04
N VAL A 65 -24.27 12.05 -4.99
CA VAL A 65 -24.07 10.77 -5.64
C VAL A 65 -24.87 10.76 -6.95
N LYS A 66 -24.23 10.30 -8.03
CA LYS A 66 -24.95 10.17 -9.29
C LYS A 66 -26.08 9.15 -9.12
N PRO A 67 -27.25 9.41 -9.66
CA PRO A 67 -28.33 8.42 -9.60
C PRO A 67 -28.08 7.28 -10.56
N GLY A 68 -28.73 6.14 -10.30
CA GLY A 68 -28.71 5.03 -11.22
C GLY A 68 -27.62 4.02 -11.10
N TRP A 69 -26.70 4.20 -10.15
CA TRP A 69 -25.66 3.21 -9.95
C TRP A 69 -26.22 2.07 -9.13
N LYS A 70 -25.68 0.87 -9.38
CA LYS A 70 -26.13 -0.29 -8.62
C LYS A 70 -24.95 -1.25 -8.40
N PHE A 71 -25.11 -2.11 -7.40
CA PHE A 71 -24.28 -3.28 -7.20
C PHE A 71 -24.74 -4.43 -8.06
N THR A 72 -23.88 -5.43 -8.22
CA THR A 72 -24.18 -6.54 -9.10
C THR A 72 -25.26 -7.46 -8.54
N ASP A 73 -25.72 -7.25 -7.32
CA ASP A 73 -26.91 -7.92 -6.81
C ASP A 73 -28.20 -7.18 -7.18
N GLY A 74 -28.09 -6.08 -7.94
CA GLY A 74 -29.21 -5.28 -8.35
C GLY A 74 -29.58 -4.12 -7.44
N SER A 75 -29.02 -4.08 -6.23
CA SER A 75 -29.40 -3.07 -5.26
C SER A 75 -28.73 -1.73 -5.59
N PRO A 76 -29.33 -0.61 -5.19
CA PRO A 76 -28.78 0.69 -5.58
C PRO A 76 -27.59 1.13 -4.73
N VAL A 77 -26.73 1.93 -5.37
CA VAL A 77 -25.69 2.66 -4.65
C VAL A 77 -26.25 4.00 -4.19
N THR A 78 -26.34 4.22 -2.89
CA THR A 78 -26.91 5.43 -2.34
C THR A 78 -25.91 6.12 -1.41
N ALA A 79 -26.30 7.29 -0.88
CA ALA A 79 -25.44 7.92 0.13
C ALA A 79 -25.16 6.99 1.30
N HIS A 80 -26.16 6.18 1.70
N HIS A 80 -26.14 6.18 1.72
CA HIS A 80 -25.98 5.24 2.80
CA HIS A 80 -25.88 5.30 2.87
C HIS A 80 -24.93 4.19 2.50
C HIS A 80 -24.94 4.15 2.52
N SER A 81 -24.83 3.77 1.25
CA SER A 81 -23.86 2.77 0.84
C SER A 81 -22.45 3.25 1.16
N PHE A 82 -22.22 4.55 1.03
CA PHE A 82 -20.94 5.17 1.44
C PHE A 82 -20.89 5.34 2.94
N VAL A 83 -21.85 6.07 3.52
CA VAL A 83 -21.76 6.42 4.93
C VAL A 83 -21.66 5.19 5.82
N ASP A 84 -22.46 4.15 5.54
CA ASP A 84 -22.42 2.93 6.36
C ASP A 84 -21.08 2.21 6.22
N ALA A 85 -20.47 2.23 5.03
CA ALA A 85 -19.17 1.58 4.82
C ALA A 85 -18.07 2.36 5.55
N TRP A 86 -18.16 3.70 5.53
CA TRP A 86 -17.12 4.49 6.18
C TRP A 86 -17.21 4.34 7.70
N ASN A 87 -18.43 4.42 8.25
CA ASN A 87 -18.62 4.17 9.68
C ASN A 87 -18.15 2.78 10.08
N TYR A 88 -18.39 1.77 9.24
CA TYR A 88 -17.90 0.42 9.51
C TYR A 88 -16.38 0.43 9.59
N GLY A 89 -15.72 1.10 8.62
CA GLY A 89 -14.28 1.16 8.65
C GLY A 89 -13.71 1.87 9.86
N ALA A 90 -14.38 2.94 10.30
CA ALA A 90 -13.84 3.79 11.35
C ALA A 90 -14.01 3.18 12.74
N LEU A 91 -15.07 2.38 12.97
CA LEU A 91 -15.42 1.92 14.30
C LEU A 91 -14.42 0.87 14.77
N SER A 92 -13.80 1.12 15.92
CA SER A 92 -12.74 0.22 16.39
C SER A 92 -13.22 -1.20 16.58
N THR A 93 -14.48 -1.39 16.97
CA THR A 93 -15.01 -2.73 17.16
C THR A 93 -14.85 -3.60 15.92
N ASN A 94 -14.86 -3.01 14.71
CA ASN A 94 -14.76 -3.81 13.50
C ASN A 94 -13.33 -4.13 13.09
N ALA A 95 -12.32 -3.56 13.76
CA ALA A 95 -10.92 -3.90 13.56
C ALA A 95 -10.51 -3.89 12.10
N GLN A 96 -10.91 -2.85 11.39
CA GLN A 96 -10.59 -2.73 9.98
C GLN A 96 -9.21 -2.09 9.80
N LEU A 97 -8.36 -2.76 9.03
CA LEU A 97 -6.99 -2.27 8.81
C LEU A 97 -6.92 -0.90 8.18
N GLN A 98 -7.94 -0.47 7.44
CA GLN A 98 -7.91 0.85 6.83
C GLN A 98 -8.53 1.96 7.70
N GLN A 99 -8.82 1.67 8.98
CA GLN A 99 -9.44 2.65 9.87
C GLN A 99 -8.80 4.02 9.78
N HIS A 100 -7.46 4.06 9.71
CA HIS A 100 -6.73 5.29 9.73
C HIS A 100 -7.19 6.33 8.71
N PHE A 101 -7.67 5.90 7.55
CA PHE A 101 -8.06 6.83 6.50
C PHE A 101 -9.25 7.69 6.87
N PHE A 102 -10.01 7.29 7.89
CA PHE A 102 -11.14 8.09 8.36
C PHE A 102 -10.77 9.10 9.43
N SER A 103 -9.49 9.11 9.86
CA SER A 103 -9.14 9.88 11.03
C SER A 103 -9.45 11.37 11.00
N PRO A 104 -9.48 12.06 9.87
CA PRO A 104 -9.76 13.50 9.92
C PRO A 104 -11.25 13.83 10.14
N ILE A 105 -12.13 12.88 10.06
CA ILE A 105 -13.58 13.15 10.13
C ILE A 105 -14.01 13.45 11.56
N GLU A 106 -14.74 14.55 11.76
CA GLU A 106 -15.27 14.80 13.10
C GLU A 106 -16.09 13.61 13.59
N GLY A 107 -15.86 13.21 14.81
CA GLY A 107 -16.49 12.06 15.40
C GLY A 107 -15.67 10.78 15.29
N PHE A 108 -14.59 10.78 14.52
CA PHE A 108 -13.69 9.63 14.48
C PHE A 108 -13.22 9.27 15.88
N ASP A 109 -12.87 10.26 16.69
CA ASP A 109 -12.36 9.98 18.02
C ASP A 109 -13.37 9.26 18.90
N ASP A 110 -14.67 9.50 18.71
CA ASP A 110 -15.70 8.78 19.44
C ASP A 110 -15.68 7.30 19.12
N VAL A 111 -15.43 6.92 17.87
CA VAL A 111 -15.60 5.53 17.44
C VAL A 111 -14.28 4.76 17.36
N ALA A 112 -13.15 5.44 17.30
CA ALA A 112 -11.84 4.83 17.11
C ALA A 112 -11.20 4.71 18.50
N GLY A 113 -9.93 4.34 18.53
CA GLY A 113 -9.19 4.35 19.80
C GLY A 113 -8.82 5.77 20.21
N ALA A 114 -9.74 6.51 20.83
CA ALA A 114 -9.45 7.89 21.27
C ALA A 114 -10.39 8.30 22.41
N PRO A 115 -10.04 9.34 23.18
CA PRO A 115 -11.00 9.85 24.17
C PRO A 115 -12.28 10.32 23.48
N GLY A 116 -13.44 9.89 23.97
CA GLY A 116 -14.71 10.23 23.32
C GLY A 116 -15.77 9.22 23.70
N ALA A 117 -16.89 9.29 23.02
CA ALA A 117 -18.15 8.63 23.47
C ALA A 117 -18.19 7.17 22.98
N ALA A 118 -17.90 6.21 23.84
CA ALA A 118 -17.57 4.82 23.44
C ALA A 118 -18.86 4.03 23.13
N SER A 119 -20.02 4.56 23.50
CA SER A 119 -21.33 3.98 23.10
C SER A 119 -21.64 4.39 21.66
N ARG A 120 -21.01 5.44 21.15
CA ARG A 120 -21.30 5.92 19.78
C ARG A 120 -20.72 4.92 18.78
N THR A 121 -21.45 4.64 17.74
CA THR A 121 -21.00 3.72 16.73
C THR A 121 -20.80 4.38 15.38
N THR A 122 -21.18 5.66 15.24
CA THR A 122 -21.04 6.36 13.98
C THR A 122 -20.40 7.72 14.23
N MET A 123 -19.84 8.29 13.18
CA MET A 123 -19.14 9.56 13.27
C MET A 123 -20.07 10.74 13.07
N SER A 124 -20.07 11.65 14.03
CA SER A 124 -21.00 12.78 13.99
C SER A 124 -20.79 13.66 12.77
N GLY A 125 -19.57 13.66 12.21
CA GLY A 125 -19.23 14.50 11.09
C GLY A 125 -19.77 14.03 9.76
N LEU A 126 -20.28 12.79 9.69
CA LEU A 126 -20.80 12.24 8.44
C LEU A 126 -22.31 12.25 8.55
N ARG A 127 -22.96 13.00 7.68
CA ARG A 127 -24.39 13.24 7.79
C ARG A 127 -25.07 13.02 6.45
N VAL A 128 -26.02 12.10 6.42
CA VAL A 128 -26.86 11.93 5.25
C VAL A 128 -27.86 13.08 5.17
N VAL A 129 -27.95 13.67 4.00
CA VAL A 129 -28.91 14.72 3.71
C VAL A 129 -30.14 14.16 2.99
N ASN A 130 -29.91 13.34 1.98
CA ASN A 130 -30.99 12.66 1.27
C ASN A 130 -30.39 11.40 0.67
N ASP A 131 -31.18 10.65 -0.09
CA ASP A 131 -30.72 9.37 -0.62
C ASP A 131 -29.44 9.48 -1.43
N LEU A 132 -29.19 10.64 -2.08
CA LEU A 132 -28.03 10.80 -2.93
C LEU A 132 -27.17 11.99 -2.52
N GLU A 133 -27.15 12.35 -1.23
CA GLU A 133 -26.35 13.45 -0.78
C GLU A 133 -25.97 13.25 0.67
N PHE A 134 -24.71 13.54 0.96
CA PHE A 134 -24.23 13.54 2.34
C PHE A 134 -23.16 14.62 2.50
N THR A 135 -22.93 15.02 3.75
CA THR A 135 -21.90 15.98 4.10
C THR A 135 -20.85 15.33 4.97
N VAL A 136 -19.67 15.89 4.89
CA VAL A 136 -18.55 15.48 5.73
C VAL A 136 -18.01 16.75 6.39
N ARG A 137 -17.82 16.71 7.70
CA ARG A 137 -17.16 17.77 8.43
C ARG A 137 -15.89 17.17 9.03
N LEU A 138 -14.75 17.73 8.69
CA LEU A 138 -13.46 17.34 9.26
C LEU A 138 -13.12 18.13 10.51
N LYS A 139 -12.25 17.54 11.34
CA LYS A 139 -11.82 18.19 12.57
C LYS A 139 -10.91 19.39 12.28
N ALA A 140 -10.24 19.40 11.15
CA ALA A 140 -9.26 20.40 10.78
C ALA A 140 -9.10 20.38 9.28
N PRO A 141 -8.58 21.45 8.69
CA PRO A 141 -8.38 21.43 7.24
C PRO A 141 -7.42 20.30 6.87
N THR A 142 -7.75 19.61 5.80
CA THR A 142 -7.06 18.39 5.40
C THR A 142 -6.85 18.46 3.89
N ILE A 143 -5.61 18.77 3.48
CA ILE A 143 -5.33 19.13 2.09
C ILE A 143 -5.47 17.96 1.12
N ASP A 144 -5.40 16.71 1.58
CA ASP A 144 -5.55 15.55 0.71
C ASP A 144 -6.81 14.76 1.03
N PHE A 145 -7.81 15.38 1.62
CA PHE A 145 -9.07 14.67 1.81
C PHE A 145 -9.80 14.44 0.47
N THR A 146 -9.90 15.45 -0.38
CA THR A 146 -10.55 15.22 -1.68
C THR A 146 -9.80 14.16 -2.48
N LEU A 147 -8.48 14.27 -2.51
CA LEU A 147 -7.66 13.37 -3.30
C LEU A 147 -7.84 11.92 -2.89
N ARG A 148 -8.01 11.66 -1.61
CA ARG A 148 -8.10 10.29 -1.14
C ARG A 148 -9.43 9.62 -1.42
N LEU A 149 -10.37 10.35 -2.03
CA LEU A 149 -11.69 9.77 -2.21
C LEU A 149 -11.81 8.82 -3.39
N GLY A 150 -10.72 8.56 -4.11
CA GLY A 150 -10.62 7.43 -4.99
C GLY A 150 -10.10 6.19 -4.35
N HIS A 151 -9.71 6.25 -3.08
CA HIS A 151 -9.06 5.10 -2.46
C HIS A 151 -10.07 4.09 -1.96
N SER A 152 -9.65 2.82 -1.95
CA SER A 152 -10.53 1.71 -1.61
C SER A 152 -11.20 1.81 -0.25
N SER A 153 -10.56 2.45 0.71
CA SER A 153 -11.21 2.54 2.02
C SER A 153 -12.57 3.22 1.91
N PHE A 154 -12.76 4.07 0.90
CA PHE A 154 -14.00 4.82 0.77
C PHE A 154 -15.02 4.17 -0.16
N TYR A 155 -14.78 2.95 -0.64
CA TYR A 155 -15.71 2.32 -1.56
C TYR A 155 -17.06 2.04 -0.89
N PRO A 156 -18.15 2.08 -1.65
CA PRO A 156 -19.48 1.81 -1.10
C PRO A 156 -19.72 0.31 -1.01
N LEU A 157 -20.62 -0.08 -0.08
CA LEU A 157 -20.95 -1.47 0.10
C LEU A 157 -22.45 -1.68 0.02
N PRO A 158 -22.90 -2.81 -0.49
CA PRO A 158 -24.34 -3.10 -0.54
C PRO A 158 -24.89 -3.39 0.85
N ASP A 159 -26.18 -3.14 1.02
CA ASP A 159 -26.82 -3.33 2.32
C ASP A 159 -26.58 -4.74 2.90
N SER A 160 -26.56 -5.75 2.02
CA SER A 160 -26.40 -7.13 2.46
C SER A 160 -25.06 -7.39 3.15
N ALA A 161 -24.03 -6.60 2.87
CA ALA A 161 -22.73 -6.83 3.47
C ALA A 161 -22.79 -6.81 4.98
N PHE A 162 -23.52 -5.85 5.54
CA PHE A 162 -23.46 -5.57 6.96
C PHE A 162 -24.13 -6.65 7.77
N ARG A 163 -25.09 -7.39 7.16
CA ARG A 163 -25.75 -8.49 7.85
C ARG A 163 -24.79 -9.67 8.09
N ASP A 164 -23.71 -9.80 7.31
CA ASP A 164 -22.76 -10.92 7.47
C ASP A 164 -21.49 -10.54 6.71
N MET A 165 -20.59 -9.83 7.40
CA MET A 165 -19.43 -9.30 6.70
C MET A 165 -18.44 -10.40 6.37
N ALA A 166 -18.36 -11.45 7.19
CA ALA A 166 -17.50 -12.60 6.84
C ALA A 166 -17.91 -13.26 5.53
N ALA A 167 -19.21 -13.48 5.34
CA ALA A 167 -19.70 -14.00 4.08
C ALA A 167 -19.38 -13.05 2.94
N PHE A 168 -19.57 -11.75 3.16
CA PHE A 168 -19.22 -10.79 2.12
C PHE A 168 -17.76 -10.90 1.72
N GLY A 169 -16.87 -11.03 2.69
CA GLY A 169 -15.46 -11.05 2.40
C GLY A 169 -15.02 -12.26 1.62
N ARG A 170 -15.81 -13.34 1.68
CA ARG A 170 -15.53 -14.52 0.87
C ARG A 170 -16.08 -14.41 -0.55
N ASN A 171 -17.11 -13.58 -0.75
CA ASN A 171 -17.84 -13.53 -2.00
C ASN A 171 -18.32 -12.08 -2.15
N PRO A 172 -17.41 -11.15 -2.42
CA PRO A 172 -17.80 -9.74 -2.40
C PRO A 172 -18.71 -9.41 -3.57
N ILE A 173 -19.56 -8.42 -3.32
CA ILE A 173 -20.50 -7.87 -4.32
C ILE A 173 -20.21 -6.37 -4.42
N GLY A 174 -19.79 -5.93 -5.59
CA GLY A 174 -19.45 -4.55 -5.80
C GLY A 174 -20.21 -3.89 -6.94
N ASN A 175 -19.71 -2.73 -7.35
CA ASN A 175 -20.31 -1.85 -8.33
C ASN A 175 -19.32 -1.41 -9.41
N GLY A 176 -18.18 -2.08 -9.52
CA GLY A 176 -17.11 -1.56 -10.34
C GLY A 176 -16.99 -2.24 -11.69
N PRO A 177 -15.86 -2.02 -12.37
CA PRO A 177 -15.77 -2.43 -13.79
C PRO A 177 -15.79 -3.93 -14.02
N TYR A 178 -15.34 -4.72 -13.04
CA TYR A 178 -15.35 -6.18 -13.12
C TYR A 178 -16.17 -6.72 -11.94
N LYS A 179 -16.52 -7.99 -12.06
CA LYS A 179 -17.13 -8.76 -10.98
C LYS A 179 -16.50 -10.15 -10.96
N LEU A 180 -16.65 -10.84 -9.82
CA LEU A 180 -16.15 -12.20 -9.79
C LEU A 180 -16.89 -13.05 -10.80
N ALA A 181 -16.13 -13.93 -11.47
CA ALA A 181 -16.76 -14.80 -12.46
C ALA A 181 -17.72 -15.80 -11.78
N ASP A 182 -18.70 -16.27 -12.54
CA ASP A 182 -19.39 -17.52 -12.16
C ASP A 182 -18.89 -18.61 -13.09
N GLY A 183 -17.62 -18.96 -12.88
CA GLY A 183 -16.86 -19.77 -13.80
C GLY A 183 -17.39 -21.17 -13.99
N PRO A 184 -16.97 -21.81 -15.09
CA PRO A 184 -17.60 -23.07 -15.51
C PRO A 184 -17.14 -24.30 -14.74
N ALA A 185 -16.07 -24.21 -13.93
CA ALA A 185 -15.55 -25.40 -13.23
C ALA A 185 -14.98 -24.96 -11.88
N GLY A 186 -15.86 -24.61 -10.95
CA GLY A 186 -15.44 -24.29 -9.61
C GLY A 186 -15.53 -22.80 -9.30
N PRO A 187 -15.13 -22.44 -8.09
CA PRO A 187 -15.30 -21.04 -7.66
C PRO A 187 -14.36 -20.09 -8.40
N ALA A 188 -14.78 -18.82 -8.48
CA ALA A 188 -13.95 -17.80 -9.13
C ALA A 188 -12.65 -17.61 -8.38
N TRP A 189 -12.69 -17.68 -7.05
CA TRP A 189 -11.51 -17.53 -6.21
C TRP A 189 -11.08 -18.91 -5.77
N GLU A 190 -10.02 -19.40 -6.37
CA GLU A 190 -9.43 -20.67 -5.95
C GLU A 190 -8.26 -20.29 -5.04
N HIS A 191 -8.45 -20.43 -3.74
CA HIS A 191 -7.49 -19.90 -2.78
C HIS A 191 -6.11 -20.44 -3.07
N ASN A 192 -5.11 -19.54 -3.09
CA ASN A 192 -3.70 -19.85 -3.31
C ASN A 192 -3.40 -20.25 -4.74
N VAL A 193 -4.38 -20.15 -5.65
CA VAL A 193 -4.16 -20.49 -7.05
C VAL A 193 -4.47 -19.31 -7.98
N ARG A 194 -5.69 -18.81 -7.95
CA ARG A 194 -6.04 -17.70 -8.87
C ARG A 194 -7.37 -17.09 -8.50
N ILE A 195 -7.65 -15.91 -9.08
CA ILE A 195 -9.00 -15.32 -9.06
C ILE A 195 -9.38 -14.93 -10.49
N ASP A 196 -10.61 -15.30 -10.89
CA ASP A 196 -11.14 -14.95 -12.20
C ASP A 196 -12.19 -13.87 -12.09
N LEU A 197 -12.07 -12.85 -12.96
CA LEU A 197 -12.99 -11.74 -13.04
C LEU A 197 -13.52 -11.58 -14.46
N VAL A 198 -14.77 -11.12 -14.56
CA VAL A 198 -15.36 -10.81 -15.86
C VAL A 198 -15.92 -9.40 -15.82
N PRO A 199 -16.13 -8.78 -16.99
CA PRO A 199 -16.71 -7.42 -16.96
C PRO A 199 -18.06 -7.40 -16.29
N ASN A 200 -18.34 -6.28 -15.60
CA ASN A 200 -19.64 -6.01 -14.99
C ASN A 200 -20.48 -5.28 -16.02
N PRO A 201 -21.54 -5.90 -16.58
CA PRO A 201 -22.31 -5.20 -17.61
C PRO A 201 -23.07 -3.98 -17.12
N ASP A 202 -23.27 -3.84 -15.80
CA ASP A 202 -23.98 -2.69 -15.26
C ASP A 202 -23.14 -1.43 -15.31
N TYR A 203 -21.80 -1.58 -15.41
CA TYR A 203 -20.91 -0.49 -15.11
C TYR A 203 -20.74 0.43 -16.32
N HIS A 204 -20.89 1.73 -16.07
CA HIS A 204 -20.72 2.76 -17.09
C HIS A 204 -19.90 3.95 -16.61
N GLY A 205 -18.80 3.69 -15.94
CA GLY A 205 -17.95 4.73 -15.42
C GLY A 205 -16.72 5.00 -16.27
N ASN A 206 -15.72 5.58 -15.63
CA ASN A 206 -14.52 6.06 -16.27
C ASN A 206 -13.51 4.96 -16.61
N ARG A 207 -13.70 3.74 -16.13
CA ARG A 207 -12.73 2.64 -16.28
C ARG A 207 -13.38 1.46 -17.00
N LYS A 208 -14.09 1.71 -18.12
CA LYS A 208 -14.74 0.61 -18.76
C LYS A 208 -13.70 -0.36 -19.34
N PRO A 209 -13.85 -1.66 -19.10
CA PRO A 209 -12.87 -2.62 -19.62
C PRO A 209 -12.79 -2.65 -21.13
N ARG A 210 -11.58 -2.81 -21.64
CA ARG A 210 -11.30 -3.02 -23.05
C ARG A 210 -11.01 -4.48 -23.33
N ASN A 211 -11.25 -5.36 -22.36
CA ASN A 211 -11.00 -6.79 -22.50
C ASN A 211 -12.19 -7.54 -21.93
N LYS A 212 -12.16 -8.85 -22.09
CA LYS A 212 -13.28 -9.72 -21.73
C LYS A 212 -13.12 -10.37 -20.36
N GLY A 213 -12.12 -9.99 -19.61
CA GLY A 213 -11.93 -10.52 -18.26
C GLY A 213 -10.48 -10.52 -17.88
N LEU A 214 -10.25 -10.84 -16.61
CA LEU A 214 -8.94 -10.86 -16.02
C LEU A 214 -8.79 -12.11 -15.18
N ARG A 215 -7.65 -12.77 -15.29
CA ARG A 215 -7.31 -13.88 -14.42
C ARG A 215 -6.03 -13.49 -13.71
N PHE A 216 -6.10 -13.34 -12.37
CA PHE A 216 -4.92 -13.09 -11.54
C PHE A 216 -4.40 -14.46 -11.12
N GLU A 217 -3.19 -14.80 -11.58
CA GLU A 217 -2.55 -16.07 -11.33
C GLU A 217 -1.60 -15.86 -10.15
N PHE A 218 -1.78 -16.68 -9.10
CA PHE A 218 -1.06 -16.50 -7.84
C PHE A 218 0.22 -17.35 -7.86
N TYR A 219 1.25 -16.83 -8.47
CA TYR A 219 2.47 -17.58 -8.63
C TYR A 219 3.18 -17.76 -7.30
N ALA A 220 3.72 -18.96 -7.10
CA ALA A 220 4.55 -19.20 -5.93
C ALA A 220 5.96 -18.69 -6.12
N ASN A 221 6.34 -18.37 -7.35
CA ASN A 221 7.73 -18.12 -7.70
C ASN A 221 7.77 -17.25 -8.95
N LEU A 222 8.54 -16.12 -8.89
CA LEU A 222 8.55 -15.18 -10.02
C LEU A 222 9.34 -15.70 -11.22
N ASP A 223 10.25 -16.66 -11.01
CA ASP A 223 10.91 -17.30 -12.15
C ASP A 223 9.92 -18.13 -12.95
N THR A 224 9.00 -18.82 -12.29
CA THR A 224 7.93 -19.51 -12.99
C THR A 224 7.10 -18.50 -13.79
N ALA A 225 6.79 -17.36 -13.18
CA ALA A 225 6.00 -16.34 -13.87
C ALA A 225 6.75 -15.79 -15.10
N TYR A 226 8.05 -15.52 -14.98
CA TYR A 226 8.80 -15.03 -16.13
C TYR A 226 8.84 -16.07 -17.24
N ALA A 227 9.10 -17.33 -16.90
CA ALA A 227 9.05 -18.39 -17.91
C ALA A 227 7.70 -18.40 -18.60
N ASP A 228 6.61 -18.27 -17.83
CA ASP A 228 5.29 -18.26 -18.44
C ASP A 228 5.12 -17.05 -19.39
N LEU A 229 5.67 -15.90 -19.00
CA LEU A 229 5.58 -14.73 -19.85
C LEU A 229 6.28 -14.99 -21.18
N LEU A 230 7.48 -15.56 -21.13
CA LEU A 230 8.24 -15.79 -22.37
C LEU A 230 7.56 -16.79 -23.28
N SER A 231 6.82 -17.75 -22.72
CA SER A 231 6.12 -18.75 -23.53
C SER A 231 4.71 -18.32 -23.92
N GLY A 232 4.26 -17.15 -23.48
CA GLY A 232 2.91 -16.71 -23.78
C GLY A 232 1.84 -17.29 -22.87
N ASN A 233 2.22 -18.02 -21.82
CA ASN A 233 1.26 -18.55 -20.86
C ASN A 233 0.90 -17.54 -19.77
N LEU A 234 1.45 -16.34 -19.82
CA LEU A 234 1.11 -15.22 -18.95
C LEU A 234 1.15 -14.00 -19.84
N ASP A 235 0.17 -13.09 -19.69
CA ASP A 235 0.09 -11.92 -20.57
C ASP A 235 0.80 -10.69 -20.04
N VAL A 236 0.76 -10.48 -18.73
CA VAL A 236 1.38 -9.30 -18.12
C VAL A 236 2.03 -9.76 -16.84
N LEU A 237 3.31 -9.41 -16.67
CA LEU A 237 4.07 -9.66 -15.45
C LEU A 237 4.58 -8.31 -14.95
N ASP A 238 4.11 -7.90 -13.78
CA ASP A 238 4.43 -6.57 -13.29
C ASP A 238 5.70 -6.53 -12.46
N THR A 239 6.36 -7.66 -12.24
CA THR A 239 7.58 -7.73 -11.44
C THR A 239 8.50 -8.74 -12.11
N ILE A 240 9.55 -8.26 -12.75
CA ILE A 240 10.56 -9.14 -13.35
C ILE A 240 11.42 -9.72 -12.24
N PRO A 241 11.68 -11.03 -12.22
CA PRO A 241 12.50 -11.62 -11.15
C PRO A 241 13.94 -11.14 -11.22
N PRO A 242 14.66 -11.18 -10.10
CA PRO A 242 16.07 -10.73 -10.13
C PRO A 242 16.91 -11.46 -11.16
N SER A 243 16.68 -12.76 -11.35
CA SER A 243 17.46 -13.52 -12.31
C SER A 243 17.34 -12.98 -13.72
N ALA A 244 16.26 -12.25 -14.02
CA ALA A 244 16.04 -11.79 -15.39
C ALA A 244 16.37 -10.32 -15.60
N LEU A 245 16.85 -9.62 -14.56
CA LEU A 245 17.00 -8.17 -14.69
C LEU A 245 18.05 -7.78 -15.73
N THR A 246 19.04 -8.64 -16.00
CA THR A 246 20.06 -8.33 -17.00
C THR A 246 19.73 -8.90 -18.36
N VAL A 247 18.58 -9.54 -18.53
CA VAL A 247 18.23 -10.17 -19.80
C VAL A 247 16.83 -9.81 -20.32
N TYR A 248 16.02 -9.16 -19.47
CA TYR A 248 14.65 -8.89 -19.92
C TYR A 248 14.64 -8.05 -21.18
N GLN A 249 15.60 -7.11 -21.32
CA GLN A 249 15.58 -6.26 -22.50
C GLN A 249 15.85 -7.08 -23.76
N ARG A 250 16.84 -7.99 -23.69
CA ARG A 250 17.07 -8.92 -24.79
C ARG A 250 15.88 -9.84 -25.02
N ASP A 251 15.27 -10.35 -23.96
CA ASP A 251 14.19 -11.34 -24.11
C ASP A 251 12.92 -10.70 -24.65
N LEU A 252 12.61 -9.48 -24.22
CA LEU A 252 11.31 -8.86 -24.45
C LEU A 252 11.32 -7.69 -25.41
N GLY A 253 12.46 -7.00 -25.60
CA GLY A 253 12.50 -5.92 -26.56
C GLY A 253 11.50 -4.82 -26.20
N ASP A 254 10.68 -4.43 -27.17
CA ASP A 254 9.70 -3.38 -26.99
C ASP A 254 8.47 -3.87 -26.26
N HIS A 255 8.46 -5.11 -25.77
CA HIS A 255 7.38 -5.61 -24.90
C HIS A 255 7.74 -5.55 -23.42
N ALA A 256 8.63 -4.63 -23.03
CA ALA A 256 8.86 -4.35 -21.62
C ALA A 256 9.15 -2.85 -21.49
N THR A 257 8.66 -2.26 -20.39
CA THR A 257 8.78 -0.84 -20.13
C THR A 257 9.23 -0.68 -18.69
N SER A 258 10.03 0.36 -18.45
CA SER A 258 10.57 0.64 -17.13
C SER A 258 10.33 2.11 -16.80
N GLY A 259 10.23 2.41 -15.50
CA GLY A 259 10.12 3.78 -15.08
C GLY A 259 9.98 3.88 -13.57
N PRO A 260 10.36 5.02 -12.98
CA PRO A 260 10.08 5.23 -11.56
C PRO A 260 8.62 4.99 -11.21
N ALA A 261 8.40 4.35 -10.07
CA ALA A 261 7.05 4.15 -9.57
C ALA A 261 7.07 4.51 -8.09
N ALA A 262 5.92 4.94 -7.57
CA ALA A 262 5.79 5.38 -6.19
C ALA A 262 5.59 4.15 -5.31
N ILE A 263 6.71 3.43 -5.12
CA ILE A 263 6.80 2.24 -4.29
C ILE A 263 8.15 2.30 -3.59
N ASN A 264 8.18 1.95 -2.32
CA ASN A 264 9.45 1.87 -1.58
C ASN A 264 9.58 0.53 -0.87
N GLN A 265 10.76 0.35 -0.27
CA GLN A 265 11.12 -0.86 0.48
C GLN A 265 11.80 -0.42 1.77
N THR A 266 11.50 -1.07 2.86
CA THR A 266 12.08 -0.76 4.16
C THR A 266 12.50 -2.03 4.88
N LEU A 267 13.36 -1.86 5.85
CA LEU A 267 13.74 -2.90 6.80
C LEU A 267 13.11 -2.51 8.13
N ASP A 268 12.15 -3.33 8.59
CA ASP A 268 11.34 -3.05 9.77
C ASP A 268 11.80 -3.91 10.94
N THR A 269 12.09 -3.28 12.06
CA THR A 269 12.54 -3.99 13.28
C THR A 269 11.60 -3.57 14.39
N PRO A 270 10.62 -4.41 14.75
CA PRO A 270 9.67 -3.99 15.79
C PRO A 270 10.39 -3.53 17.06
N LEU A 271 9.82 -2.49 17.69
CA LEU A 271 10.39 -1.94 18.91
C LEU A 271 10.21 -2.88 20.09
N ARG A 272 9.39 -3.92 19.95
CA ARG A 272 9.17 -4.93 20.97
C ARG A 272 10.23 -6.04 20.95
N LEU A 273 11.19 -6.02 20.04
CA LEU A 273 12.17 -7.10 19.99
C LEU A 273 13.29 -6.86 21.00
N PRO A 274 13.97 -7.90 21.43
CA PRO A 274 15.12 -7.70 22.34
C PRO A 274 16.08 -6.70 21.72
N HIS A 275 16.54 -5.75 22.55
CA HIS A 275 17.58 -4.79 22.21
C HIS A 275 17.14 -3.71 21.25
N PHE A 276 15.86 -3.64 20.89
CA PHE A 276 15.40 -2.75 19.83
C PHE A 276 14.32 -1.78 20.26
N GLY A 277 14.12 -1.58 21.57
CA GLY A 277 13.24 -0.55 22.07
C GLY A 277 13.95 0.58 22.78
N GLY A 278 13.21 1.65 23.02
CA GLY A 278 13.69 2.83 23.68
C GLY A 278 14.86 3.46 22.94
N GLU A 279 15.69 4.19 23.71
CA GLU A 279 16.82 4.89 23.10
C GLU A 279 17.84 3.90 22.52
N GLU A 280 18.02 2.75 23.20
CA GLU A 280 18.86 1.68 22.69
C GLU A 280 18.44 1.32 21.26
N GLY A 281 17.15 1.07 21.08
CA GLY A 281 16.64 0.69 19.78
C GLY A 281 16.83 1.78 18.75
N ARG A 282 16.60 3.04 19.11
CA ARG A 282 16.78 4.13 18.17
C ARG A 282 18.22 4.17 17.64
N LEU A 283 19.17 4.02 18.55
CA LEU A 283 20.62 3.99 18.17
C LEU A 283 20.87 2.79 17.27
N ARG A 284 20.30 1.63 17.55
CA ARG A 284 20.55 0.42 16.72
C ARG A 284 19.90 0.59 15.35
N ARG A 285 18.74 1.24 15.25
CA ARG A 285 18.11 1.43 13.92
C ARG A 285 18.96 2.40 13.11
N LEU A 286 19.49 3.44 13.72
CA LEU A 286 20.40 4.33 13.01
C LEU A 286 21.63 3.57 12.56
N ALA A 287 22.16 2.70 13.45
CA ALA A 287 23.32 1.90 13.06
C ALA A 287 23.05 0.99 11.88
N LEU A 288 21.89 0.34 11.85
CA LEU A 288 21.54 -0.51 10.72
C LEU A 288 21.50 0.28 9.43
N SER A 289 20.92 1.49 9.50
CA SER A 289 20.84 2.30 8.30
C SER A 289 22.22 2.64 7.76
N ALA A 290 23.16 2.96 8.65
CA ALA A 290 24.52 3.28 8.26
C ALA A 290 25.30 2.06 7.80
N ALA A 291 24.80 0.85 8.10
CA ALA A 291 25.48 -0.39 7.77
C ALA A 291 25.04 -0.99 6.46
N ILE A 292 24.17 -0.30 5.71
CA ILE A 292 23.62 -0.78 4.44
C ILE A 292 24.08 0.14 3.33
N ASN A 293 24.62 -0.43 2.24
CA ASN A 293 25.16 0.35 1.12
C ASN A 293 24.09 0.33 0.01
N ARG A 294 23.19 1.31 0.06
CA ARG A 294 22.04 1.28 -0.86
C ARG A 294 22.50 1.46 -2.31
N PRO A 295 23.39 2.42 -2.66
CA PRO A 295 23.83 2.50 -4.08
C PRO A 295 24.39 1.17 -4.61
N GLN A 296 25.19 0.50 -3.81
CA GLN A 296 25.84 -0.75 -4.25
C GLN A 296 24.81 -1.86 -4.49
N ILE A 297 23.86 -2.00 -3.57
CA ILE A 297 22.83 -3.02 -3.75
C ILE A 297 21.97 -2.68 -4.96
N CYS A 298 21.56 -1.43 -5.07
CA CYS A 298 20.78 -1.00 -6.22
C CYS A 298 21.48 -1.26 -7.54
N GLN A 299 22.80 -1.09 -7.59
CA GLN A 299 23.52 -1.28 -8.84
C GLN A 299 23.67 -2.77 -9.15
N GLN A 300 24.09 -3.55 -8.17
CA GLN A 300 24.47 -4.93 -8.40
C GLN A 300 23.36 -5.92 -8.23
N ILE A 301 22.58 -5.82 -7.18
CA ILE A 301 21.52 -6.78 -6.97
C ILE A 301 20.35 -6.49 -7.90
N PHE A 302 20.01 -5.22 -8.07
CA PHE A 302 18.83 -4.83 -8.80
C PHE A 302 19.14 -4.32 -10.19
N ALA A 303 20.41 -4.33 -10.61
CA ALA A 303 20.74 -3.92 -11.98
C ALA A 303 20.20 -2.54 -12.29
N GLY A 304 20.20 -1.68 -11.28
CA GLY A 304 19.78 -0.31 -11.45
C GLY A 304 18.28 -0.08 -11.41
N THR A 305 17.49 -1.07 -11.01
CA THR A 305 16.04 -0.94 -11.02
C THR A 305 15.48 -0.55 -9.62
N ARG A 306 16.35 -0.11 -8.71
CA ARG A 306 15.91 0.56 -7.49
C ARG A 306 16.85 1.76 -7.31
N SER A 307 16.34 2.79 -6.67
CA SER A 307 17.07 4.01 -6.38
C SER A 307 17.23 4.18 -4.89
N PRO A 308 18.43 4.46 -4.40
CA PRO A 308 18.62 4.56 -2.94
C PRO A 308 17.68 5.59 -2.28
N ALA A 309 17.10 5.21 -1.14
CA ALA A 309 16.21 6.13 -0.43
C ALA A 309 16.97 7.36 0.01
N ARG A 310 16.30 8.49 -0.08
CA ARG A 310 16.74 9.76 0.43
C ARG A 310 15.78 10.33 1.46
N ASP A 311 14.64 9.70 1.68
CA ASP A 311 13.65 10.08 2.67
C ASP A 311 12.77 8.85 2.93
N PHE A 312 11.62 9.06 3.54
CA PHE A 312 10.72 7.95 3.93
C PHE A 312 9.57 7.82 2.92
N THR A 313 9.63 8.48 1.78
CA THR A 313 8.49 8.43 0.82
C THR A 313 9.01 7.86 -0.52
N ALA A 314 8.99 8.55 -1.65
CA ALA A 314 9.42 7.96 -2.93
C ALA A 314 9.72 9.12 -3.88
N ARG A 315 10.79 8.99 -4.62
CA ARG A 315 11.30 10.04 -5.48
C ARG A 315 10.28 10.66 -6.41
N SER A 316 9.28 9.89 -6.81
CA SER A 316 8.39 10.35 -7.87
C SER A 316 7.19 11.14 -7.36
N LEU A 317 7.06 11.35 -6.08
CA LEU A 317 5.89 12.02 -5.50
C LEU A 317 6.03 13.54 -5.53
N PRO A 318 4.91 14.23 -5.61
CA PRO A 318 4.95 15.70 -5.54
C PRO A 318 5.59 16.19 -4.25
N GLY A 319 6.50 17.15 -4.38
CA GLY A 319 7.17 17.76 -3.24
C GLY A 319 8.35 17.02 -2.71
N PHE A 320 8.66 15.86 -3.26
CA PHE A 320 9.83 15.10 -2.84
C PHE A 320 11.10 15.95 -2.94
N ASP A 321 11.96 15.80 -1.96
CA ASP A 321 13.23 16.52 -1.93
C ASP A 321 14.34 15.56 -1.51
N PRO A 322 15.30 15.28 -2.38
CA PRO A 322 16.33 14.30 -2.06
C PRO A 322 17.51 14.88 -1.29
N ASN A 323 17.41 16.16 -0.88
CA ASN A 323 18.51 16.86 -0.23
C ASN A 323 18.04 17.48 1.08
N LEU A 324 17.22 16.76 1.84
CA LEU A 324 16.76 17.29 3.12
C LEU A 324 17.89 17.26 4.15
N PRO A 325 18.01 18.31 4.98
CA PRO A 325 18.98 18.27 6.06
C PRO A 325 18.68 17.11 7.00
N GLY A 326 19.72 16.39 7.38
CA GLY A 326 19.56 15.24 8.23
C GLY A 326 19.45 13.91 7.49
N ASN A 327 19.34 13.92 6.16
CA ASN A 327 19.22 12.67 5.42
C ASN A 327 20.52 11.88 5.35
N GLU A 328 21.61 12.41 5.92
CA GLU A 328 22.85 11.68 5.96
C GLU A 328 22.76 10.41 6.80
N VAL A 329 21.71 10.26 7.60
CA VAL A 329 21.44 9.01 8.28
C VAL A 329 21.20 7.87 7.30
N LEU A 330 20.93 8.19 6.03
CA LEU A 330 20.70 7.20 4.99
C LEU A 330 21.93 6.97 4.10
N ASP A 331 23.09 7.42 4.52
CA ASP A 331 24.35 7.17 3.83
C ASP A 331 25.09 6.00 4.49
N TYR A 332 25.75 5.19 3.67
CA TYR A 332 26.59 4.12 4.19
C TYR A 332 27.81 4.70 4.88
N ASP A 333 28.04 4.23 6.11
CA ASP A 333 29.15 4.78 6.92
C ASP A 333 29.46 3.74 8.00
N PRO A 334 30.28 2.73 7.68
CA PRO A 334 30.57 1.69 8.66
C PRO A 334 31.12 2.16 9.98
N GLN A 335 32.04 3.12 9.99
CA GLN A 335 32.56 3.59 11.28
C GLN A 335 31.45 4.20 12.13
N ARG A 336 30.58 4.98 11.51
CA ARG A 336 29.43 5.54 12.22
C ARG A 336 28.49 4.43 12.70
N ALA A 337 28.27 3.42 11.86
CA ALA A 337 27.37 2.33 12.25
C ALA A 337 27.91 1.66 13.50
N ARG A 338 29.22 1.37 13.53
CA ARG A 338 29.80 0.75 14.73
C ARG A 338 29.75 1.67 15.93
N ARG A 339 29.93 2.97 15.76
CA ARG A 339 29.87 3.87 16.91
C ARG A 339 28.46 3.86 17.51
N LEU A 340 27.44 3.94 16.63
CA LEU A 340 26.03 3.95 17.09
C LEU A 340 25.69 2.63 17.78
N TRP A 341 26.10 1.52 17.19
CA TRP A 341 25.80 0.22 17.79
C TRP A 341 26.49 0.10 19.16
N ALA A 342 27.71 0.61 19.29
CA ALA A 342 28.38 0.58 20.58
C ALA A 342 27.69 1.48 21.59
N GLN A 343 27.18 2.65 21.15
CA GLN A 343 26.40 3.49 22.05
C GLN A 343 25.17 2.77 22.57
N ALA A 344 24.49 2.01 21.69
CA ALA A 344 23.40 1.16 22.15
C ALA A 344 23.86 0.11 23.15
N ASP A 345 25.02 -0.50 22.89
CA ASP A 345 25.57 -1.49 23.81
C ASP A 345 25.94 -0.89 25.18
N ALA A 346 26.18 0.42 25.22
CA ALA A 346 26.41 1.08 26.52
C ALA A 346 25.17 1.00 27.38
N ILE A 347 23.96 1.01 26.75
CA ILE A 347 22.72 0.85 27.51
C ILE A 347 22.49 -0.59 27.88
N SER A 348 22.66 -1.49 26.92
CA SER A 348 22.48 -2.92 27.14
C SER A 348 23.24 -3.68 26.09
N PRO A 349 24.21 -4.50 26.42
CA PRO A 349 25.01 -5.14 25.37
C PRO A 349 24.19 -6.09 24.51
N TRP A 350 24.35 -5.95 23.21
CA TRP A 350 23.66 -6.82 22.25
C TRP A 350 24.03 -8.29 22.54
N SER A 351 23.06 -9.16 22.26
CA SER A 351 23.29 -10.59 22.16
C SER A 351 22.23 -11.19 21.25
N GLY A 352 22.55 -12.33 20.67
CA GLY A 352 21.59 -13.10 19.92
C GLY A 352 21.77 -12.92 18.42
N ARG A 353 20.66 -13.17 17.72
CA ARG A 353 20.64 -13.19 16.27
C ARG A 353 19.71 -12.10 15.73
N TYR A 354 20.12 -11.48 14.64
CA TYR A 354 19.29 -10.49 13.90
C TYR A 354 18.85 -11.18 12.61
N ALA A 355 17.57 -11.47 12.49
CA ALA A 355 17.06 -12.19 11.33
C ALA A 355 16.10 -11.30 10.56
N ILE A 356 16.19 -11.35 9.23
CA ILE A 356 15.33 -10.57 8.35
C ILE A 356 14.37 -11.50 7.63
N ALA A 357 13.11 -11.50 8.06
CA ALA A 357 12.09 -12.29 7.42
C ALA A 357 11.57 -11.63 6.15
N TYR A 358 11.23 -12.45 5.18
CA TYR A 358 10.67 -11.95 3.91
C TYR A 358 9.79 -13.03 3.29
N ASN A 359 8.91 -12.59 2.38
CA ASN A 359 8.12 -13.49 1.56
C ASN A 359 8.91 -13.83 0.31
N ALA A 360 9.16 -15.12 0.10
CA ALA A 360 10.03 -15.57 -0.98
C ALA A 360 9.35 -15.53 -2.35
N ASP A 361 8.04 -15.38 -2.40
CA ASP A 361 7.28 -15.39 -3.64
C ASP A 361 7.45 -14.12 -4.48
N ALA A 362 8.18 -13.13 -4.00
CA ALA A 362 8.28 -11.86 -4.75
C ALA A 362 9.69 -11.40 -5.01
N GLY A 363 10.64 -12.30 -5.04
CA GLY A 363 11.98 -11.98 -5.52
C GLY A 363 12.89 -11.23 -4.57
N HIS A 364 12.66 -11.32 -3.26
CA HIS A 364 13.47 -10.55 -2.30
C HIS A 364 14.71 -11.27 -1.82
N ARG A 365 14.90 -12.53 -2.18
CA ARG A 365 16.00 -13.29 -1.63
C ARG A 365 17.35 -12.60 -1.79
N ASP A 366 17.67 -12.15 -3.00
CA ASP A 366 19.02 -11.65 -3.25
C ASP A 366 19.32 -10.42 -2.38
N TRP A 367 18.39 -9.47 -2.31
CA TRP A 367 18.68 -8.25 -1.57
C TRP A 367 18.71 -8.54 -0.07
N VAL A 368 17.81 -9.41 0.42
CA VAL A 368 17.79 -9.67 1.84
C VAL A 368 19.09 -10.33 2.25
N ASP A 369 19.55 -11.32 1.48
CA ASP A 369 20.85 -11.92 1.74
C ASP A 369 21.94 -10.85 1.76
N ALA A 370 21.92 -9.94 0.79
CA ALA A 370 22.96 -8.91 0.75
C ALA A 370 22.92 -7.99 1.97
N VAL A 371 21.73 -7.61 2.41
CA VAL A 371 21.62 -6.70 3.55
C VAL A 371 22.04 -7.40 4.83
N ALA A 372 21.64 -8.66 5.00
CA ALA A 372 22.05 -9.40 6.18
C ALA A 372 23.57 -9.55 6.21
N ASN A 373 24.17 -9.83 5.04
CA ASN A 373 25.62 -9.96 5.01
C ASN A 373 26.32 -8.64 5.32
N SER A 374 25.76 -7.54 4.83
CA SER A 374 26.33 -6.23 5.11
C SER A 374 26.29 -5.93 6.59
N ILE A 375 25.14 -6.18 7.22
CA ILE A 375 25.02 -5.94 8.65
C ILE A 375 26.00 -6.81 9.43
N LYS A 376 26.10 -8.09 9.07
CA LYS A 376 27.04 -9.01 9.72
C LYS A 376 28.46 -8.52 9.59
N ASN A 377 28.87 -8.10 8.39
CA ASN A 377 30.27 -7.71 8.19
C ASN A 377 30.60 -6.37 8.83
N VAL A 378 29.68 -5.41 8.79
CA VAL A 378 29.93 -4.10 9.36
C VAL A 378 29.90 -4.12 10.88
N LEU A 379 28.90 -4.79 11.45
CA LEU A 379 28.68 -4.72 12.89
C LEU A 379 29.21 -5.92 13.67
N GLY A 380 29.54 -7.01 13.00
CA GLY A 380 30.12 -8.16 13.68
C GLY A 380 29.08 -8.95 14.44
N ILE A 381 27.84 -8.97 13.99
CA ILE A 381 26.76 -9.68 14.65
C ILE A 381 26.26 -10.81 13.76
N ASP A 382 25.48 -11.71 14.37
CA ASP A 382 24.90 -12.86 13.66
C ASP A 382 23.62 -12.40 12.98
N ALA A 383 23.75 -11.91 11.75
CA ALA A 383 22.63 -11.45 10.94
C ALA A 383 22.38 -12.43 9.79
N VAL A 384 21.12 -12.83 9.62
CA VAL A 384 20.74 -13.86 8.67
C VAL A 384 19.40 -13.49 8.05
N ALA A 385 19.12 -14.09 6.90
CA ALA A 385 17.82 -14.04 6.24
C ALA A 385 16.93 -15.15 6.78
N ALA A 386 15.62 -14.93 6.74
CA ALA A 386 14.64 -15.90 7.25
C ALA A 386 13.43 -15.95 6.33
N PRO A 387 13.51 -16.69 5.21
CA PRO A 387 12.43 -16.69 4.23
C PRO A 387 11.19 -17.42 4.73
N GLN A 388 10.02 -16.92 4.30
CA GLN A 388 8.72 -17.53 4.41
C GLN A 388 8.13 -17.67 3.00
N PRO A 389 7.30 -18.70 2.75
CA PRO A 389 6.92 -18.97 1.35
C PRO A 389 5.98 -17.96 0.71
N THR A 390 5.01 -17.39 1.45
CA THR A 390 3.95 -16.63 0.83
C THR A 390 3.79 -15.26 1.48
N PHE A 391 3.41 -14.28 0.68
CA PHE A 391 3.10 -12.97 1.21
C PHE A 391 1.95 -13.04 2.18
N ALA A 392 0.91 -13.81 1.86
CA ALA A 392 -0.25 -13.87 2.74
C ALA A 392 0.12 -14.33 4.14
N GLY A 393 0.89 -15.41 4.25
CA GLY A 393 1.26 -15.92 5.58
C GLY A 393 2.18 -14.96 6.31
N PHE A 394 3.12 -14.37 5.57
CA PHE A 394 4.06 -13.39 6.12
C PHE A 394 3.31 -12.19 6.70
N ARG A 395 2.41 -11.58 5.92
CA ARG A 395 1.66 -10.45 6.44
C ARG A 395 0.80 -10.85 7.62
N THR A 396 0.26 -12.08 7.61
CA THR A 396 -0.57 -12.49 8.74
C THR A 396 0.26 -12.50 10.02
N GLN A 397 1.48 -13.02 9.95
CA GLN A 397 2.36 -13.03 11.11
C GLN A 397 2.75 -11.62 11.55
N ILE A 398 2.92 -10.70 10.60
CA ILE A 398 3.22 -9.33 10.96
C ILE A 398 2.05 -8.67 11.67
N THR A 399 0.85 -8.90 11.15
CA THR A 399 -0.35 -8.26 11.66
C THR A 399 -0.74 -8.77 13.04
N ASN A 400 -0.66 -10.07 13.25
CA ASN A 400 -1.01 -10.64 14.54
C ASN A 400 0.15 -10.60 15.54
N ARG A 401 1.31 -10.07 15.13
CA ARG A 401 2.49 -9.86 15.96
C ARG A 401 3.21 -11.15 16.31
N ALA A 402 2.85 -12.27 15.68
CA ALA A 402 3.60 -13.51 15.89
C ALA A 402 5.03 -13.42 15.38
N ILE A 403 5.30 -12.61 14.36
CA ILE A 403 6.64 -12.57 13.79
C ILE A 403 7.63 -12.19 14.88
N ASP A 404 8.75 -12.88 14.92
CA ASP A 404 9.69 -12.75 16.02
C ASP A 404 11.06 -12.32 15.56
N SER A 405 11.12 -11.50 14.52
CA SER A 405 12.35 -11.00 13.95
C SER A 405 12.06 -9.70 13.23
N ALA A 406 13.10 -9.07 12.73
CA ALA A 406 12.92 -8.03 11.72
C ALA A 406 12.31 -8.60 10.45
N PHE A 407 11.85 -7.71 9.57
CA PHE A 407 11.21 -8.18 8.36
C PHE A 407 11.22 -7.06 7.34
N ARG A 408 11.12 -7.42 6.08
CA ARG A 408 10.98 -6.44 4.97
C ARG A 408 9.56 -5.88 4.95
N ALA A 409 9.43 -4.63 4.56
CA ALA A 409 8.13 -4.05 4.28
C ALA A 409 8.33 -3.02 3.16
N GLY A 410 7.31 -2.28 2.89
CA GLY A 410 7.37 -1.31 1.79
C GLY A 410 5.97 -0.95 1.39
N TRP A 411 5.86 0.21 0.80
CA TRP A 411 4.56 0.81 0.52
C TRP A 411 4.46 1.08 -0.96
N ARG A 412 3.35 0.66 -1.55
CA ARG A 412 2.93 1.06 -2.88
C ARG A 412 1.86 2.15 -2.71
N GLY A 413 2.10 3.32 -3.30
CA GLY A 413 1.21 4.44 -3.09
C GLY A 413 -0.21 4.12 -3.49
N ASP A 414 -1.16 4.65 -2.72
CA ASP A 414 -2.58 4.57 -3.02
C ASP A 414 -3.05 5.81 -3.82
N TYR A 415 -2.49 6.97 -3.53
CA TYR A 415 -2.68 8.19 -4.29
C TYR A 415 -1.43 9.03 -4.11
N PRO A 416 -1.15 9.98 -5.03
CA PRO A 416 0.21 10.58 -5.02
C PRO A 416 0.30 11.72 -4.01
N SER A 417 0.53 11.34 -2.75
CA SER A 417 0.63 12.30 -1.66
C SER A 417 1.68 11.79 -0.70
N MET A 418 2.74 12.56 -0.48
CA MET A 418 3.74 12.14 0.52
C MET A 418 3.10 11.80 1.87
N ILE A 419 2.09 12.55 2.27
CA ILE A 419 1.48 12.31 3.61
C ILE A 419 0.96 10.87 3.65
N GLU A 420 0.48 10.36 2.52
CA GLU A 420 -0.10 9.00 2.38
C GLU A 420 0.97 7.91 2.53
N PHE A 421 2.24 8.27 2.35
CA PHE A 421 3.34 7.36 2.55
C PHE A 421 3.81 7.37 4.00
N LEU A 422 3.32 8.30 4.82
CA LEU A 422 3.83 8.49 6.16
C LEU A 422 2.76 8.22 7.21
N ALA A 423 1.59 8.83 7.08
CA ALA A 423 0.57 8.70 8.12
C ALA A 423 0.11 7.28 8.30
N PRO A 424 -0.01 6.46 7.24
CA PRO A 424 -0.51 5.10 7.46
C PRO A 424 0.51 4.19 8.09
N LEU A 425 1.78 4.58 8.11
CA LEU A 425 2.86 3.74 8.55
C LEU A 425 3.44 4.13 9.90
N PHE A 426 3.35 5.42 10.27
CA PHE A 426 4.14 5.91 11.40
C PHE A 426 3.31 6.66 12.42
N THR A 427 2.02 6.88 12.18
CA THR A 427 1.21 7.48 13.24
C THR A 427 0.80 6.42 14.25
N ALA A 428 0.50 6.88 15.46
CA ALA A 428 0.54 5.99 16.61
C ALA A 428 -0.47 4.86 16.49
N GLY A 429 -1.66 5.15 15.98
CA GLY A 429 -2.74 4.21 15.90
C GLY A 429 -2.95 3.55 14.56
N ALA A 430 -2.10 3.78 13.57
CA ALA A 430 -2.34 3.30 12.22
C ALA A 430 -2.22 1.78 12.11
N GLY A 431 -3.13 1.19 11.35
CA GLY A 431 -3.16 -0.25 11.20
C GLY A 431 -1.96 -0.83 10.50
N SER A 432 -1.27 -0.05 9.67
CA SER A 432 -0.09 -0.50 8.96
C SER A 432 1.22 -0.05 9.63
N ASN A 433 1.13 0.39 10.88
CA ASN A 433 2.31 0.68 11.70
C ASN A 433 2.71 -0.67 12.29
N ASP A 434 3.63 -1.36 11.60
CA ASP A 434 3.98 -2.75 11.84
C ASP A 434 4.98 -2.89 13.02
N VAL A 435 5.65 -1.80 13.40
CA VAL A 435 6.77 -1.85 14.35
C VAL A 435 6.45 -1.27 15.70
N GLY A 436 5.28 -0.67 15.90
CA GLY A 436 5.00 -0.05 17.17
C GLY A 436 5.63 1.30 17.41
N TYR A 437 5.88 2.07 16.37
CA TYR A 437 6.48 3.39 16.57
C TYR A 437 5.42 4.37 17.02
N ILE A 438 5.76 5.16 18.03
CA ILE A 438 4.86 6.18 18.58
C ILE A 438 5.67 7.45 18.85
N ASN A 439 5.31 8.54 18.23
CA ASN A 439 5.90 9.83 18.55
C ASN A 439 4.82 10.90 18.31
N PRO A 440 4.16 11.38 19.37
CA PRO A 440 3.08 12.38 19.18
C PRO A 440 3.53 13.63 18.47
N GLU A 441 4.78 14.03 18.61
CA GLU A 441 5.34 15.23 17.92
C GLU A 441 5.32 14.99 16.40
N PHE A 442 5.60 13.78 15.95
CA PHE A 442 5.52 13.51 14.52
C PHE A 442 4.06 13.58 14.04
N ASP A 443 3.13 12.97 14.79
CA ASP A 443 1.73 12.99 14.39
C ASP A 443 1.24 14.42 14.29
N ALA A 444 1.65 15.27 15.23
CA ALA A 444 1.25 16.66 15.21
C ALA A 444 1.86 17.39 14.01
N ALA A 445 3.13 17.08 13.68
CA ALA A 445 3.73 17.69 12.51
C ALA A 445 2.99 17.33 11.21
N LEU A 446 2.53 16.07 11.10
CA LEU A 446 1.74 15.71 9.93
C LEU A 446 0.40 16.43 9.90
N ALA A 447 -0.23 16.57 11.08
CA ALA A 447 -1.49 17.31 11.11
C ALA A 447 -1.28 18.75 10.64
N ALA A 448 -0.15 19.33 10.99
CA ALA A 448 0.16 20.70 10.55
C ALA A 448 0.37 20.74 9.04
N ALA A 449 1.02 19.72 8.49
CA ALA A 449 1.18 19.69 7.04
C ALA A 449 -0.16 19.57 6.34
N GLU A 450 -1.07 18.79 6.91
CA GLU A 450 -2.42 18.64 6.32
C GLU A 450 -3.21 19.96 6.33
N ALA A 451 -2.97 20.82 7.32
CA ALA A 451 -3.75 22.04 7.51
C ALA A 451 -3.26 23.16 6.65
N ALA A 452 -2.14 23.00 5.94
CA ALA A 452 -1.60 24.05 5.09
C ALA A 452 -2.58 24.39 3.98
N PRO A 453 -2.76 25.66 3.63
CA PRO A 453 -3.72 25.98 2.58
C PRO A 453 -3.23 25.69 1.17
N THR A 454 -1.92 25.56 0.95
CA THR A 454 -1.40 25.34 -0.40
C THR A 454 -0.50 24.11 -0.40
N LEU A 455 -0.40 23.50 -1.56
CA LEU A 455 0.42 22.30 -1.68
C LEU A 455 1.89 22.61 -1.41
N THR A 456 2.37 23.78 -1.85
CA THR A 456 3.78 24.07 -1.63
C THR A 456 4.11 24.13 -0.13
N GLU A 457 3.29 24.84 0.64
CA GLU A 457 3.48 24.90 2.07
C GLU A 457 3.37 23.53 2.69
N SER A 458 2.35 22.78 2.27
CA SER A 458 2.15 21.44 2.83
C SER A 458 3.38 20.56 2.61
N HIS A 459 3.94 20.58 1.40
CA HIS A 459 5.09 19.75 1.11
C HIS A 459 6.29 20.15 1.97
N GLU A 460 6.46 21.45 2.17
CA GLU A 460 7.61 21.86 2.99
C GLU A 460 7.38 21.45 4.46
N LEU A 461 6.12 21.44 4.92
CA LEU A 461 5.82 20.96 6.28
C LEU A 461 5.97 19.44 6.41
N VAL A 462 5.64 18.70 5.35
CA VAL A 462 5.86 17.25 5.38
C VAL A 462 7.35 16.99 5.53
N ASN A 463 8.15 17.71 4.76
CA ASN A 463 9.59 17.51 4.80
C ASN A 463 10.16 17.92 6.14
N ASP A 464 9.59 18.94 6.79
CA ASP A 464 10.02 19.25 8.15
C ASP A 464 9.70 18.09 9.09
N ALA A 465 8.51 17.48 8.93
CA ALA A 465 8.13 16.35 9.78
C ALA A 465 9.09 15.17 9.59
N GLN A 466 9.61 14.99 8.39
CA GLN A 466 10.55 13.91 8.14
C GLN A 466 11.86 14.07 8.93
N ARG A 467 12.20 15.26 9.40
CA ARG A 467 13.37 15.39 10.28
C ARG A 467 13.22 14.55 11.56
N ILE A 468 12.00 14.49 12.10
CA ILE A 468 11.75 13.64 13.25
C ILE A 468 12.02 12.20 12.89
N LEU A 469 11.60 11.78 11.69
CA LEU A 469 11.85 10.41 11.24
C LEU A 469 13.34 10.13 11.04
N PHE A 470 14.10 11.09 10.54
CA PHE A 470 15.55 10.89 10.45
C PHE A 470 16.16 10.66 11.84
N HIS A 471 15.64 11.36 12.86
CA HIS A 471 16.13 11.18 14.22
C HIS A 471 15.71 9.83 14.80
N ASP A 472 14.45 9.43 14.61
CA ASP A 472 13.92 8.23 15.25
C ASP A 472 14.15 6.97 14.46
N MET A 473 14.36 7.08 13.15
CA MET A 473 14.55 5.93 12.25
C MET A 473 13.52 4.83 12.56
N PRO A 474 12.21 5.13 12.43
CA PRO A 474 11.21 4.16 12.88
C PRO A 474 11.30 2.86 12.15
N VAL A 475 11.61 2.94 10.86
CA VAL A 475 12.05 1.82 10.04
C VAL A 475 13.25 2.35 9.26
N VAL A 476 13.94 1.45 8.59
CA VAL A 476 15.10 1.84 7.79
C VAL A 476 14.66 1.91 6.33
N PRO A 477 14.61 3.09 5.72
CA PRO A 477 14.22 3.16 4.31
C PRO A 477 15.39 2.71 3.44
N LEU A 478 15.10 1.86 2.47
CA LEU A 478 16.11 1.23 1.62
C LEU A 478 16.21 1.89 0.25
N TRP A 479 15.15 1.78 -0.52
CA TRP A 479 15.13 2.29 -1.92
C TRP A 479 13.70 2.45 -2.40
N ASP A 480 13.54 3.22 -3.45
CA ASP A 480 12.30 3.27 -4.20
C ASP A 480 12.50 2.60 -5.56
N TYR A 481 11.39 2.42 -6.25
CA TYR A 481 11.34 1.45 -7.33
C TYR A 481 11.45 2.09 -8.73
N ILE A 482 12.15 1.38 -9.59
CA ILE A 482 12.00 1.52 -11.02
C ILE A 482 11.26 0.29 -11.45
N SER A 483 9.96 0.43 -11.69
CA SER A 483 9.14 -0.69 -12.16
C SER A 483 9.57 -1.15 -13.53
N VAL A 484 9.62 -2.49 -13.71
CA VAL A 484 9.82 -3.12 -15.02
C VAL A 484 8.69 -4.10 -15.21
N VAL A 485 7.92 -3.90 -16.28
CA VAL A 485 6.73 -4.66 -16.62
C VAL A 485 6.88 -5.22 -18.01
N GLY A 486 6.62 -6.53 -18.14
CA GLY A 486 6.67 -7.17 -19.45
C GLY A 486 5.31 -7.71 -19.84
N TRP A 487 5.10 -7.85 -21.15
CA TRP A 487 3.85 -8.42 -21.61
C TRP A 487 4.06 -9.28 -22.84
N SER A 488 3.07 -10.13 -23.09
CA SER A 488 3.12 -11.09 -24.15
C SER A 488 2.76 -10.47 -25.50
N SER A 489 3.04 -11.23 -26.56
CA SER A 489 2.66 -10.81 -27.90
C SER A 489 1.16 -10.91 -28.19
N GLN A 490 0.36 -11.39 -27.22
CA GLN A 490 -1.09 -11.48 -27.44
C GLN A 490 -1.85 -10.30 -26.89
N VAL A 491 -1.17 -9.37 -26.22
CA VAL A 491 -1.85 -8.21 -25.65
C VAL A 491 -1.16 -6.93 -26.12
N SER A 492 -1.90 -5.82 -26.00
CA SER A 492 -1.38 -4.50 -26.30
C SER A 492 -2.11 -3.47 -25.42
N ASN A 493 -1.81 -2.21 -25.65
CA ASN A 493 -2.36 -1.10 -24.87
C ASN A 493 -2.04 -1.24 -23.37
N VAL A 494 -0.86 -1.76 -23.06
CA VAL A 494 -0.40 -1.97 -21.70
C VAL A 494 0.26 -0.67 -21.24
N THR A 495 -0.31 0.00 -20.26
CA THR A 495 0.28 1.17 -19.63
C THR A 495 0.59 0.84 -18.17
N VAL A 496 1.76 1.25 -17.71
CA VAL A 496 2.12 1.12 -16.31
C VAL A 496 1.79 2.42 -15.59
N THR A 497 1.01 2.32 -14.52
CA THR A 497 0.58 3.50 -13.79
C THR A 497 1.69 4.05 -12.88
N TRP A 498 1.40 5.20 -12.26
CA TRP A 498 2.30 5.92 -11.41
C TRP A 498 2.77 5.09 -10.22
N ASN A 499 2.00 4.08 -9.78
CA ASN A 499 2.40 3.25 -8.66
C ASN A 499 2.84 1.85 -9.09
N GLY A 500 3.18 1.68 -10.38
CA GLY A 500 3.79 0.44 -10.83
C GLY A 500 2.84 -0.66 -11.26
N LEU A 501 1.57 -0.48 -11.19
CA LEU A 501 0.64 -1.52 -11.59
C LEU A 501 0.22 -1.34 -13.03
N PRO A 502 -0.06 -2.43 -13.74
CA PRO A 502 -0.69 -2.30 -15.06
C PRO A 502 -2.03 -1.60 -14.93
N ASP A 503 -2.39 -0.84 -15.97
CA ASP A 503 -3.74 -0.27 -16.04
C ASP A 503 -4.66 -1.36 -16.59
N TYR A 504 -5.16 -2.21 -15.68
CA TYR A 504 -5.77 -3.48 -16.09
C TYR A 504 -6.94 -3.28 -17.04
N GLU A 505 -7.83 -2.35 -16.73
CA GLU A 505 -9.06 -2.19 -17.50
C GLU A 505 -8.72 -1.89 -18.96
N ASN A 506 -7.58 -1.24 -19.22
CA ASN A 506 -7.26 -0.80 -20.57
C ASN A 506 -6.41 -1.77 -21.37
N ILE A 507 -6.01 -2.91 -20.80
CA ILE A 507 -5.26 -3.89 -21.58
C ILE A 507 -6.17 -4.50 -22.64
N VAL A 508 -5.61 -4.65 -23.85
CA VAL A 508 -6.34 -5.22 -24.98
C VAL A 508 -5.74 -6.57 -25.33
N LYS A 509 -6.60 -7.54 -25.66
CA LYS A 509 -6.14 -8.89 -26.04
C LYS A 509 -6.88 -9.30 -27.31
N ALA A 510 -6.14 -9.58 -28.37
CA ALA A 510 -6.73 -10.10 -29.61
C ALA A 510 -6.96 -11.61 -29.49
N SER B 1 -0.71 0.97 0.02
CA SER B 1 -0.84 -0.43 0.46
C SER B 1 0.49 -1.06 0.69
N SER B 2 0.53 -2.03 1.59
CA SER B 2 1.76 -2.80 1.84
C SER B 2 2.08 -3.65 0.64
N VAL B 3 3.32 -3.56 0.17
CA VAL B 3 3.71 -4.15 -1.15
C VAL B 3 4.21 -5.57 -0.93
N THR B 4 3.78 -6.45 -1.80
CA THR B 4 4.46 -7.67 -2.13
C THR B 4 3.73 -8.92 -1.77
#